data_3NUV
#
_entry.id   3NUV
#
_cell.length_a   59.785
_cell.length_b   59.785
_cell.length_c   144.499
_cell.angle_alpha   90.00
_cell.angle_beta   90.00
_cell.angle_gamma   120.00
#
_symmetry.space_group_name_H-M   'P 32 1 2'
#
loop_
_entity.id
_entity.type
_entity.pdbx_description
1 polymer 'Steroid Delta-isomerase'
2 non-polymer 4-ANDROSTENE-3-17-DIONE
3 non-polymer 'SULFATE ION'
4 water water
#
_entity_poly.entity_id   1
_entity_poly.type   'polypeptide(L)'
_entity_poly.pdbx_seq_one_letter_code
;MNTPEHMTAVVQRYVAALNAGDLDGIVALFADDATVENPVGSEPRSGTAAIREFYANSLKLPLAVELTQEVRAVANEAAF
AFTVSFEYQGRKTVVAPINHFRFNGAGKVVSMRALFGEKNIHAGA
;
_entity_poly.pdbx_strand_id   A,B
#
loop_
_chem_comp.id
_chem_comp.type
_chem_comp.name
_chem_comp.formula
ASD non-polymer 4-ANDROSTENE-3-17-DIONE 'C19 H26 O2'
SO4 non-polymer 'SULFATE ION' 'O4 S -2'
#
# COMPACT_ATOMS: atom_id res chain seq x y z
N MET A 1 -4.07 -4.04 22.70
CA MET A 1 -2.62 -3.86 22.57
C MET A 1 -2.27 -3.18 21.26
N ASN A 2 -3.18 -3.22 20.31
CA ASN A 2 -2.84 -2.73 18.97
C ASN A 2 -2.58 -1.22 18.94
N THR A 3 -1.37 -0.83 18.52
CA THR A 3 -0.96 0.58 18.37
C THR A 3 -0.18 0.69 17.06
N PRO A 4 -0.08 1.92 16.47
CA PRO A 4 0.89 2.00 15.38
C PRO A 4 2.30 1.49 15.71
N GLU A 5 2.82 1.70 16.94
N GLU A 5 2.83 1.70 16.91
CA GLU A 5 4.14 1.17 17.34
CA GLU A 5 4.13 1.14 17.22
C GLU A 5 4.19 -0.36 17.28
C GLU A 5 4.11 -0.37 17.13
N HIS A 6 3.16 -1.00 17.81
CA HIS A 6 3.03 -2.47 17.76
C HIS A 6 2.98 -3.01 16.31
N MET A 7 2.24 -2.34 15.46
CA MET A 7 2.03 -2.83 14.10
C MET A 7 3.28 -2.72 13.29
N THR A 8 4.04 -1.64 13.52
CA THR A 8 5.35 -1.42 12.91
C THR A 8 6.32 -2.52 13.29
N ALA A 9 6.44 -2.79 14.60
CA ALA A 9 7.16 -3.94 15.15
C ALA A 9 6.74 -5.31 14.51
N VAL A 10 5.45 -5.54 14.33
CA VAL A 10 4.99 -6.77 13.73
C VAL A 10 5.48 -6.90 12.25
N VAL A 11 5.40 -5.79 11.51
CA VAL A 11 5.96 -5.77 10.15
C VAL A 11 7.45 -6.12 10.15
N GLN A 12 8.23 -5.45 11.02
CA GLN A 12 9.64 -5.77 11.21
C GLN A 12 9.87 -7.26 11.54
N ARG A 13 9.02 -7.83 12.43
CA ARG A 13 9.09 -9.24 12.82
C ARG A 13 8.79 -10.19 11.69
N TYR A 14 7.82 -9.81 10.85
CA TYR A 14 7.39 -10.57 9.69
C TYR A 14 8.51 -10.67 8.68
N VAL A 15 9.16 -9.53 8.43
CA VAL A 15 10.39 -9.50 7.58
C VAL A 15 11.51 -10.41 8.10
N ALA A 16 11.85 -10.26 9.38
CA ALA A 16 12.83 -11.08 10.10
C ALA A 16 12.50 -12.59 10.00
N ALA A 17 11.26 -12.95 10.30
CA ALA A 17 10.79 -14.34 10.17
C ALA A 17 10.92 -14.94 8.74
N LEU A 18 10.49 -14.20 7.72
CA LEU A 18 10.74 -14.63 6.36
C LEU A 18 12.21 -14.79 6.10
N ASN A 19 12.98 -13.78 6.49
CA ASN A 19 14.42 -13.90 6.34
C ASN A 19 14.96 -15.20 6.88
N ALA A 20 14.49 -15.58 8.06
CA ALA A 20 15.00 -16.72 8.79
C ALA A 20 14.46 -18.04 8.32
N GLY A 21 13.34 -18.01 7.59
CA GLY A 21 12.61 -19.22 7.22
C GLY A 21 11.86 -19.80 8.42
N ASP A 22 11.42 -18.92 9.32
CA ASP A 22 10.83 -19.31 10.60
C ASP A 22 9.30 -19.38 10.47
N LEU A 23 8.75 -20.51 10.01
CA LEU A 23 7.27 -20.65 9.79
C LEU A 23 6.46 -20.36 11.04
N ASP A 24 6.93 -20.90 12.17
CA ASP A 24 6.21 -20.75 13.45
C ASP A 24 6.07 -19.25 13.73
N GLY A 25 7.17 -18.52 13.63
CA GLY A 25 7.15 -17.12 13.96
C GLY A 25 6.34 -16.25 12.99
N ILE A 26 6.25 -16.64 11.71
CA ILE A 26 5.42 -15.88 10.74
C ILE A 26 3.93 -16.10 11.07
N VAL A 27 3.60 -17.36 11.29
CA VAL A 27 2.21 -17.74 11.41
C VAL A 27 1.63 -17.20 12.73
N ALA A 28 2.51 -17.11 13.73
CA ALA A 28 2.16 -16.58 15.04
C ALA A 28 1.64 -15.14 14.99
N LEU A 29 2.01 -14.39 13.96
CA LEU A 29 1.61 -13.00 13.85
C LEU A 29 0.17 -12.86 13.40
N PHE A 30 -0.41 -13.95 12.94
CA PHE A 30 -1.74 -13.92 12.36
C PHE A 30 -2.80 -14.38 13.36
N ALA A 31 -4.00 -13.84 13.28
CA ALA A 31 -5.13 -14.37 14.04
C ALA A 31 -5.52 -15.74 13.49
N ASP A 32 -6.25 -16.50 14.28
CA ASP A 32 -6.59 -17.85 13.89
C ASP A 32 -7.43 -17.92 12.64
N ASP A 33 -8.24 -16.91 12.40
CA ASP A 33 -9.11 -16.94 11.24
C ASP A 33 -8.72 -15.95 10.16
N ALA A 34 -7.44 -15.63 10.12
CA ALA A 34 -6.93 -14.63 9.21
C ALA A 34 -6.97 -15.15 7.78
N THR A 35 -6.78 -14.20 6.87
CA THR A 35 -6.68 -14.46 5.45
C THR A 35 -5.37 -13.93 4.97
N VAL A 36 -4.90 -14.57 3.91
CA VAL A 36 -3.74 -14.16 3.16
C VAL A 36 -4.12 -14.16 1.69
N GLU A 37 -3.90 -13.03 1.02
CA GLU A 37 -4.24 -12.92 -0.40
C GLU A 37 -2.97 -12.52 -1.10
N ASN A 38 -2.34 -13.51 -1.72
CA ASN A 38 -1.07 -13.33 -2.38
C ASN A 38 -1.05 -14.09 -3.71
N PRO A 39 -0.87 -13.36 -4.82
CA PRO A 39 -0.96 -11.91 -4.87
C PRO A 39 -2.44 -11.49 -4.80
N VAL A 40 -2.66 -10.18 -4.71
CA VAL A 40 -3.97 -9.61 -4.81
C VAL A 40 -4.57 -10.10 -6.12
N GLY A 41 -5.86 -10.42 -6.05
CA GLY A 41 -6.57 -11.00 -7.18
C GLY A 41 -6.75 -12.50 -7.10
N SER A 42 -6.02 -13.17 -6.21
CA SER A 42 -6.11 -14.64 -6.09
C SER A 42 -7.06 -15.06 -4.98
N GLU A 43 -7.41 -16.34 -4.96
CA GLU A 43 -8.27 -16.85 -3.91
C GLU A 43 -7.57 -16.72 -2.55
N PRO A 44 -8.21 -16.03 -1.59
CA PRO A 44 -7.59 -15.89 -0.28
C PRO A 44 -7.40 -17.26 0.40
N ARG A 45 -6.26 -17.48 1.05
CA ARG A 45 -6.07 -18.60 1.97
C ARG A 45 -6.63 -18.25 3.36
N SER A 46 -7.38 -19.15 3.98
CA SER A 46 -8.09 -18.79 5.21
C SER A 46 -7.78 -19.78 6.35
N GLY A 47 -7.35 -19.24 7.49
CA GLY A 47 -7.06 -19.99 8.73
C GLY A 47 -5.65 -20.51 8.82
N THR A 48 -5.25 -20.89 10.04
CA THR A 48 -3.86 -21.22 10.38
C THR A 48 -3.21 -22.31 9.49
N ALA A 49 -3.91 -23.43 9.28
CA ALA A 49 -3.36 -24.51 8.45
C ALA A 49 -3.05 -24.03 7.04
N ALA A 50 -4.06 -23.41 6.39
CA ALA A 50 -3.87 -22.84 5.05
C ALA A 50 -2.77 -21.77 5.03
N ILE A 51 -2.73 -20.90 6.02
CA ILE A 51 -1.68 -19.89 6.02
C ILE A 51 -0.27 -20.51 6.15
N ARG A 52 -0.10 -21.46 7.07
CA ARG A 52 1.19 -22.16 7.19
C ARG A 52 1.59 -22.85 5.87
N GLU A 53 0.67 -23.56 5.23
CA GLU A 53 0.98 -24.22 3.95
C GLU A 53 1.47 -23.22 2.92
N PHE A 54 0.85 -22.04 2.94
CA PHE A 54 1.19 -21.01 1.97
C PHE A 54 2.60 -20.57 2.23
N TYR A 55 2.93 -20.24 3.50
CA TYR A 55 4.30 -19.83 3.83
C TYR A 55 5.33 -20.95 3.63
N ALA A 56 4.97 -22.18 4.00
CA ALA A 56 5.86 -23.32 3.73
C ALA A 56 6.28 -23.40 2.27
N ASN A 57 5.30 -23.32 1.38
CA ASN A 57 5.52 -23.27 -0.07
C ASN A 57 6.39 -22.09 -0.55
N SER A 58 6.26 -20.94 0.11
CA SER A 58 7.02 -19.74 -0.25
C SER A 58 8.45 -19.83 0.24
N LEU A 59 8.72 -20.75 1.16
CA LEU A 59 10.01 -20.78 1.86
C LEU A 59 10.99 -21.90 1.41
N LYS A 60 10.53 -22.72 0.46
CA LYS A 60 11.32 -23.80 -0.15
C LYS A 60 12.68 -23.35 -0.68
N LEU A 61 12.77 -22.12 -1.18
CA LEU A 61 14.10 -21.52 -1.41
C LEU A 61 14.31 -20.50 -0.30
N PRO A 62 15.56 -20.40 0.19
CA PRO A 62 15.84 -19.40 1.21
C PRO A 62 15.61 -17.99 0.64
N LEU A 63 14.92 -17.15 1.39
CA LEU A 63 14.57 -15.79 0.94
C LEU A 63 15.36 -14.78 1.73
N ALA A 64 15.91 -13.78 1.05
CA ALA A 64 16.47 -12.62 1.72
C ALA A 64 15.45 -11.50 1.54
N VAL A 65 14.98 -11.01 2.67
CA VAL A 65 13.85 -10.10 2.68
C VAL A 65 14.27 -8.86 3.45
N GLU A 66 13.90 -7.69 2.94
CA GLU A 66 14.36 -6.43 3.46
C GLU A 66 13.28 -5.37 3.26
N LEU A 67 12.92 -4.61 4.30
CA LEU A 67 12.13 -3.37 4.12
C LEU A 67 12.95 -2.40 3.35
N THR A 68 12.30 -1.72 2.40
CA THR A 68 13.05 -0.74 1.68
C THR A 68 12.68 0.73 1.96
N GLN A 69 11.67 0.95 2.81
CA GLN A 69 11.26 2.27 3.20
C GLN A 69 10.61 2.08 4.53
N GLU A 70 10.35 3.22 5.16
CA GLU A 70 9.60 3.25 6.40
C GLU A 70 8.23 2.56 6.31
N VAL A 71 7.85 1.91 7.42
CA VAL A 71 6.53 1.27 7.50
C VAL A 71 5.54 2.39 7.60
N ARG A 72 4.41 2.24 6.92
CA ARG A 72 3.28 3.13 7.11
C ARG A 72 2.27 2.49 8.10
N ALA A 73 1.94 3.13 9.20
CA ALA A 73 1.05 2.48 10.15
C ALA A 73 0.16 3.53 10.77
N VAL A 74 -1.14 3.24 10.80
CA VAL A 74 -2.14 4.21 11.30
C VAL A 74 -3.41 3.43 11.58
N ALA A 75 -4.19 3.91 12.55
CA ALA A 75 -5.48 3.33 12.87
C ALA A 75 -5.21 1.84 13.24
N ASN A 76 -5.82 0.90 12.54
CA ASN A 76 -5.53 -0.53 12.77
C ASN A 76 -4.93 -1.25 11.53
N GLU A 77 -4.19 -0.51 10.72
CA GLU A 77 -3.65 -1.09 9.48
C GLU A 77 -2.23 -0.64 9.26
N ALA A 78 -1.48 -1.40 8.45
CA ALA A 78 -0.12 -1.01 8.06
C ALA A 78 0.13 -1.45 6.62
N ALA A 79 1.04 -0.72 5.96
CA ALA A 79 1.51 -1.07 4.60
C ALA A 79 3.00 -0.88 4.54
N PHE A 80 3.66 -1.70 3.71
CA PHE A 80 5.10 -1.68 3.68
C PHE A 80 5.62 -2.12 2.32
N ALA A 81 6.73 -1.49 1.94
CA ALA A 81 7.42 -1.75 0.69
C ALA A 81 8.69 -2.49 1.04
N PHE A 82 9.01 -3.52 0.28
CA PHE A 82 10.10 -4.40 0.67
C PHE A 82 10.54 -5.16 -0.54
N THR A 83 11.61 -5.93 -0.39
CA THR A 83 12.01 -6.83 -1.47
C THR A 83 12.19 -8.22 -0.92
N VAL A 84 11.96 -9.20 -1.79
CA VAL A 84 12.19 -10.61 -1.52
C VAL A 84 13.10 -11.11 -2.63
N SER A 85 14.29 -11.59 -2.23
CA SER A 85 15.34 -12.08 -3.11
C SER A 85 15.59 -13.55 -2.91
N PHE A 86 15.84 -14.24 -4.01
CA PHE A 86 16.21 -15.65 -3.92
C PHE A 86 17.00 -16.06 -5.15
N GLU A 87 17.65 -17.21 -5.06
CA GLU A 87 18.49 -17.71 -6.16
C GLU A 87 17.98 -19.08 -6.50
N TYR A 88 17.97 -19.37 -7.79
CA TYR A 88 17.64 -20.70 -8.23
C TYR A 88 18.41 -20.98 -9.49
N GLN A 89 19.15 -22.10 -9.48
CA GLN A 89 19.95 -22.48 -10.64
C GLN A 89 20.86 -21.37 -11.12
N GLY A 90 21.45 -20.65 -10.17
CA GLY A 90 22.40 -19.59 -10.46
C GLY A 90 21.82 -18.28 -10.93
N ARG A 91 20.49 -18.18 -10.96
CA ARG A 91 19.85 -16.92 -11.28
C ARG A 91 19.28 -16.28 -10.04
N LYS A 92 19.60 -15.01 -9.86
CA LYS A 92 19.01 -14.24 -8.79
C LYS A 92 17.76 -13.44 -9.22
N THR A 93 16.70 -13.52 -8.42
CA THR A 93 15.49 -12.76 -8.69
C THR A 93 15.26 -11.85 -7.48
N VAL A 94 14.73 -10.66 -7.75
CA VAL A 94 14.33 -9.79 -6.68
C VAL A 94 12.92 -9.38 -7.03
N VAL A 95 12.02 -9.62 -6.08
CA VAL A 95 10.63 -9.26 -6.24
C VAL A 95 10.34 -8.11 -5.26
N ALA A 96 9.67 -7.08 -5.76
CA ALA A 96 9.39 -5.90 -4.94
C ALA A 96 7.87 -5.69 -4.72
N PRO A 97 7.30 -6.32 -3.67
CA PRO A 97 5.89 -6.01 -3.46
C PRO A 97 5.64 -4.80 -2.54
N ILE A 98 4.36 -4.51 -2.42
CA ILE A 98 3.82 -3.75 -1.32
C ILE A 98 2.79 -4.64 -0.63
N ASN A 99 2.95 -4.82 0.67
CA ASN A 99 1.99 -5.59 1.41
C ASN A 99 1.08 -4.70 2.28
N HIS A 100 -0.11 -5.20 2.55
CA HIS A 100 -1.06 -4.51 3.47
C HIS A 100 -1.45 -5.52 4.58
N PHE A 101 -1.40 -5.08 5.84
CA PHE A 101 -1.80 -5.87 7.00
C PHE A 101 -2.98 -5.13 7.60
N ARG A 102 -4.07 -5.81 7.90
CA ARG A 102 -5.10 -5.25 8.78
C ARG A 102 -5.03 -6.05 10.10
N PHE A 103 -5.19 -5.36 11.22
CA PHE A 103 -4.97 -5.95 12.53
C PHE A 103 -6.25 -5.89 13.32
N ASN A 104 -6.39 -6.86 14.23
CA ASN A 104 -7.47 -6.81 15.19
C ASN A 104 -7.04 -6.04 16.45
N GLY A 105 -7.99 -5.93 17.39
CA GLY A 105 -7.79 -5.23 18.65
C GLY A 105 -6.60 -5.73 19.44
N ALA A 106 -6.39 -7.05 19.40
CA ALA A 106 -5.31 -7.74 20.12
C ALA A 106 -3.93 -7.57 19.48
N GLY A 107 -3.88 -6.93 18.33
CA GLY A 107 -2.64 -6.79 17.60
C GLY A 107 -2.20 -7.97 16.74
N LYS A 108 -3.12 -8.90 16.46
CA LYS A 108 -2.88 -9.99 15.48
C LYS A 108 -3.30 -9.57 14.09
N VAL A 109 -2.59 -10.07 13.09
CA VAL A 109 -2.98 -9.71 11.73
C VAL A 109 -4.17 -10.54 11.34
N VAL A 110 -5.22 -9.88 10.88
CA VAL A 110 -6.40 -10.63 10.44
C VAL A 110 -6.47 -10.78 8.93
N SER A 111 -5.71 -9.94 8.23
N SER A 111 -5.71 -9.93 8.23
CA SER A 111 -5.64 -10.03 6.79
CA SER A 111 -5.67 -9.99 6.77
C SER A 111 -4.33 -9.48 6.24
C SER A 111 -4.34 -9.47 6.23
N MET A 112 -3.74 -10.22 5.31
CA MET A 112 -2.56 -9.75 4.60
C MET A 112 -2.95 -9.73 3.12
N ARG A 113 -2.56 -8.68 2.39
CA ARG A 113 -2.72 -8.69 0.93
C ARG A 113 -1.44 -8.23 0.32
N ALA A 114 -1.02 -8.86 -0.76
CA ALA A 114 0.28 -8.55 -1.31
C ALA A 114 0.14 -8.14 -2.74
N LEU A 115 0.47 -6.87 -3.02
N LEU A 115 0.66 -6.96 -3.04
CA LEU A 115 0.39 -6.36 -4.38
CA LEU A 115 0.37 -6.29 -4.28
C LEU A 115 1.71 -6.32 -5.05
C LEU A 115 1.65 -6.23 -5.08
N PHE A 116 1.69 -7.03 -6.14
CA PHE A 116 2.80 -7.06 -7.04
C PHE A 116 2.41 -7.74 -8.35
N GLY A 117 3.08 -7.33 -9.38
CA GLY A 117 2.93 -7.96 -10.68
C GLY A 117 4.23 -8.22 -11.37
N GLU A 118 4.10 -8.65 -12.62
CA GLU A 118 5.24 -9.04 -13.38
C GLU A 118 6.30 -7.95 -13.47
N LYS A 119 5.93 -6.68 -13.45
CA LYS A 119 6.94 -5.62 -13.52
C LYS A 119 7.71 -5.45 -12.26
N ASN A 120 7.20 -6.02 -11.18
CA ASN A 120 7.85 -5.93 -9.91
C ASN A 120 8.73 -7.16 -9.66
N ILE A 121 8.82 -8.05 -10.65
CA ILE A 121 9.71 -9.22 -10.53
C ILE A 121 10.94 -8.95 -11.39
N HIS A 122 12.10 -8.82 -10.74
CA HIS A 122 13.33 -8.37 -11.42
C HIS A 122 14.36 -9.51 -11.48
N ALA A 123 14.62 -10.01 -12.68
CA ALA A 123 15.50 -11.18 -12.85
C ALA A 123 16.24 -10.99 -14.16
N GLY A 124 17.48 -11.45 -14.23
CA GLY A 124 18.18 -11.56 -15.52
C GLY A 124 17.84 -12.93 -16.08
N ALA A 125 18.43 -13.30 -17.21
CA ALA A 125 18.16 -14.60 -17.81
C ALA A 125 18.54 -15.73 -16.85
N ASN B 2 -8.05 -4.37 -16.75
CA ASN B 2 -7.15 -3.22 -16.46
C ASN B 2 -5.75 -3.75 -16.55
N THR B 3 -4.96 -3.22 -17.47
CA THR B 3 -3.58 -3.60 -17.54
C THR B 3 -2.85 -2.93 -16.42
N PRO B 4 -1.78 -3.57 -15.95
CA PRO B 4 -0.88 -2.88 -15.05
C PRO B 4 -0.33 -1.57 -15.62
N GLU B 5 -0.11 -1.53 -16.94
CA GLU B 5 0.33 -0.31 -17.57
C GLU B 5 -0.72 0.79 -17.43
N HIS B 6 -2.01 0.49 -17.64
CA HIS B 6 -3.07 1.47 -17.44
C HIS B 6 -3.03 1.97 -16.01
N MET B 7 -2.99 1.06 -15.06
CA MET B 7 -3.10 1.50 -13.67
C MET B 7 -1.90 2.30 -13.24
N THR B 8 -0.71 1.92 -13.70
CA THR B 8 0.52 2.66 -13.46
C THR B 8 0.46 4.06 -14.03
N ALA B 9 -0.11 4.18 -15.22
CA ALA B 9 -0.24 5.46 -15.91
C ALA B 9 -1.17 6.36 -15.17
N VAL B 10 -2.26 5.80 -14.68
CA VAL B 10 -3.23 6.53 -13.86
C VAL B 10 -2.58 7.07 -12.58
N VAL B 11 -1.75 6.26 -11.93
CA VAL B 11 -0.97 6.75 -10.80
C VAL B 11 -0.08 7.92 -11.19
N GLN B 12 0.63 7.82 -12.30
CA GLN B 12 1.41 8.96 -12.71
C GLN B 12 0.59 10.18 -13.03
N ARG B 13 -0.59 9.98 -13.60
CA ARG B 13 -1.49 11.07 -13.85
C ARG B 13 -1.94 11.79 -12.59
N TYR B 14 -2.19 11.01 -11.54
CA TYR B 14 -2.53 11.53 -10.23
C TYR B 14 -1.46 12.41 -9.69
N VAL B 15 -0.25 11.88 -9.72
CA VAL B 15 0.89 12.58 -9.24
C VAL B 15 1.09 13.90 -10.03
N ALA B 16 1.11 13.80 -11.35
CA ALA B 16 1.22 14.98 -12.23
C ALA B 16 0.11 16.03 -11.95
N ALA B 17 -1.15 15.61 -11.81
CA ALA B 17 -2.22 16.58 -11.55
C ALA B 17 -2.13 17.30 -10.20
N LEU B 18 -1.70 16.58 -9.15
CA LEU B 18 -1.38 17.22 -7.84
C LEU B 18 -0.28 18.25 -8.05
N ASN B 19 0.79 17.87 -8.76
CA ASN B 19 1.85 18.85 -9.03
C ASN B 19 1.39 20.10 -9.80
N ALA B 20 0.40 19.90 -10.66
CA ALA B 20 0.00 20.94 -11.56
C ALA B 20 -1.20 21.70 -10.96
N GLY B 21 -1.72 21.22 -9.82
CA GLY B 21 -2.92 21.85 -9.26
C GLY B 21 -4.10 21.78 -10.20
N ASP B 22 -4.17 20.71 -10.98
CA ASP B 22 -5.17 20.49 -11.99
C ASP B 22 -6.27 19.66 -11.36
N LEU B 23 -7.22 20.35 -10.75
CA LEU B 23 -8.25 19.71 -9.99
C LEU B 23 -9.17 18.85 -10.90
N ASP B 24 -9.58 19.37 -12.09
CA ASP B 24 -10.22 18.57 -13.13
C ASP B 24 -9.46 17.27 -13.42
N GLY B 25 -8.15 17.39 -13.67
CA GLY B 25 -7.26 16.26 -13.96
C GLY B 25 -7.30 15.16 -12.88
N ILE B 26 -7.35 15.54 -11.60
CA ILE B 26 -7.42 14.56 -10.52
C ILE B 26 -8.77 13.92 -10.48
N VAL B 27 -9.81 14.75 -10.41
CA VAL B 27 -11.18 14.26 -10.25
C VAL B 27 -11.60 13.35 -11.42
N ALA B 28 -11.09 13.65 -12.62
CA ALA B 28 -11.39 12.83 -13.78
C ALA B 28 -10.94 11.38 -13.69
N LEU B 29 -9.93 11.10 -12.87
CA LEU B 29 -9.47 9.74 -12.70
C LEU B 29 -10.48 8.85 -11.96
N PHE B 30 -11.36 9.48 -11.20
CA PHE B 30 -12.27 8.73 -10.37
C PHE B 30 -13.60 8.39 -10.98
N ALA B 31 -14.13 7.25 -10.55
CA ALA B 31 -15.49 6.85 -10.89
C ALA B 31 -16.45 7.86 -10.31
N ASP B 32 -17.60 7.92 -10.96
N ASP B 32 -17.66 7.96 -10.85
CA ASP B 32 -18.83 8.58 -10.51
CA ASP B 32 -18.61 8.92 -10.29
C ASP B 32 -19.10 8.57 -9.00
C ASP B 32 -18.99 8.65 -8.82
N ASP B 33 -18.93 7.40 -8.41
CA ASP B 33 -19.35 7.08 -7.06
C ASP B 33 -18.17 6.57 -6.23
N ALA B 34 -16.98 7.09 -6.52
CA ALA B 34 -15.77 6.67 -5.83
C ALA B 34 -15.73 7.25 -4.42
N THR B 35 -14.83 6.68 -3.62
CA THR B 35 -14.48 7.12 -2.27
C THR B 35 -12.97 7.39 -2.16
N VAL B 36 -12.65 8.35 -1.28
CA VAL B 36 -11.28 8.73 -0.98
C VAL B 36 -11.17 8.70 0.55
N GLU B 37 -10.22 7.95 1.08
N GLU B 37 -10.23 7.93 1.08
CA GLU B 37 -9.99 7.83 2.52
CA GLU B 37 -9.99 7.84 2.52
C GLU B 37 -8.63 8.40 2.87
C GLU B 37 -8.62 8.41 2.86
N ASN B 38 -8.63 9.60 3.46
CA ASN B 38 -7.40 10.29 3.75
C ASN B 38 -7.44 10.83 5.20
N PRO B 39 -6.70 10.22 6.15
CA PRO B 39 -5.89 9.03 6.06
C PRO B 39 -6.79 7.80 6.13
N VAL B 40 -6.19 6.63 5.90
N VAL B 40 -6.20 6.61 5.95
CA VAL B 40 -6.86 5.32 5.88
CA VAL B 40 -6.88 5.39 6.35
C VAL B 40 -7.93 5.18 6.95
C VAL B 40 -7.17 5.57 7.84
N GLY B 41 -7.52 5.42 8.18
N GLY B 41 -8.39 5.19 8.23
CA GLY B 41 -8.45 5.54 9.27
CA GLY B 41 -8.88 5.37 9.59
C GLY B 41 -8.98 6.96 9.23
C GLY B 41 -9.87 6.52 9.71
N SER B 42 -10.09 7.14 8.50
N SER B 42 -10.31 7.06 8.57
CA SER B 42 -10.93 8.33 8.57
CA SER B 42 -11.18 8.24 8.62
C SER B 42 -12.16 8.11 7.68
C SER B 42 -12.45 8.08 7.82
N GLU B 43 -13.26 8.79 7.99
N GLU B 43 -13.34 9.07 7.89
CA GLU B 43 -14.49 8.63 7.18
CA GLU B 43 -14.57 8.98 7.12
C GLU B 43 -14.21 9.15 5.78
C GLU B 43 -14.28 9.30 5.66
N PRO B 44 -14.57 8.36 4.74
CA PRO B 44 -14.29 8.66 3.32
C PRO B 44 -15.12 9.82 2.76
N ARG B 45 -14.52 10.56 1.82
CA ARG B 45 -15.25 11.49 0.98
C ARG B 45 -15.87 10.65 -0.16
N SER B 46 -17.16 10.84 -0.43
CA SER B 46 -17.89 9.97 -1.36
C SER B 46 -18.63 10.77 -2.40
N GLY B 47 -18.46 10.37 -3.65
CA GLY B 47 -18.99 11.09 -4.81
C GLY B 47 -18.10 12.22 -5.33
N THR B 48 -18.30 12.53 -6.62
CA THR B 48 -17.59 13.59 -7.37
C THR B 48 -17.48 14.94 -6.64
N ALA B 49 -18.62 15.49 -6.22
CA ALA B 49 -18.65 16.78 -5.55
C ALA B 49 -17.69 16.76 -4.35
N ALA B 50 -17.85 15.77 -3.47
CA ALA B 50 -17.08 15.69 -2.22
C ALA B 50 -15.61 15.44 -2.49
N ILE B 51 -15.34 14.63 -3.52
CA ILE B 51 -13.97 14.34 -3.92
C ILE B 51 -13.31 15.61 -4.45
N ARG B 52 -14.03 16.34 -5.31
CA ARG B 52 -13.56 17.66 -5.73
C ARG B 52 -13.27 18.59 -4.57
N GLU B 53 -14.15 18.62 -3.56
CA GLU B 53 -13.97 19.52 -2.40
C GLU B 53 -12.66 19.19 -1.67
N PHE B 54 -12.51 17.88 -1.44
CA PHE B 54 -11.32 17.30 -0.85
C PHE B 54 -10.05 17.79 -1.52
N TYR B 55 -9.95 17.58 -2.84
CA TYR B 55 -8.75 17.99 -3.57
C TYR B 55 -8.58 19.51 -3.68
N ALA B 56 -9.69 20.27 -3.73
CA ALA B 56 -9.58 21.74 -3.63
C ALA B 56 -8.88 22.15 -2.32
N ASN B 57 -9.29 21.53 -1.22
CA ASN B 57 -8.64 21.78 0.07
C ASN B 57 -7.20 21.29 0.07
N SER B 58 -6.98 20.13 -0.53
CA SER B 58 -5.60 19.66 -0.70
C SER B 58 -4.66 20.58 -1.51
N LEU B 59 -5.20 21.45 -2.36
CA LEU B 59 -4.37 22.29 -3.22
C LEU B 59 -4.31 23.77 -2.80
N LYS B 60 -4.78 24.09 -1.61
CA LYS B 60 -4.61 25.44 -1.06
C LYS B 60 -3.12 25.87 -1.01
N LEU B 61 -2.20 24.99 -0.66
CA LEU B 61 -0.79 25.27 -0.78
C LEU B 61 -0.26 24.54 -2.00
N PRO B 62 0.78 25.07 -2.67
CA PRO B 62 1.42 24.27 -3.75
C PRO B 62 2.00 22.95 -3.22
N LEU B 63 1.83 21.86 -3.96
CA LEU B 63 2.37 20.57 -3.53
C LEU B 63 3.48 20.09 -4.45
N ALA B 64 4.49 19.43 -3.87
CA ALA B 64 5.47 18.77 -4.70
C ALA B 64 5.36 17.30 -4.39
N VAL B 65 5.02 16.55 -5.43
CA VAL B 65 4.69 15.15 -5.26
C VAL B 65 5.60 14.30 -6.18
N GLU B 66 6.06 13.16 -5.65
N GLU B 66 6.16 13.24 -5.61
CA GLU B 66 7.05 12.36 -6.37
CA GLU B 66 6.82 12.27 -6.47
C GLU B 66 6.97 10.88 -5.96
C GLU B 66 6.63 10.88 -5.97
N LEU B 67 6.72 9.99 -6.93
CA LEU B 67 6.80 8.53 -6.70
C LEU B 67 8.20 8.27 -6.21
N THR B 68 8.38 7.40 -5.21
CA THR B 68 9.70 7.18 -4.67
C THR B 68 10.12 5.75 -5.02
N GLN B 69 9.19 4.95 -5.57
CA GLN B 69 9.50 3.58 -6.06
C GLN B 69 8.59 3.28 -7.17
N GLU B 70 8.85 2.17 -7.84
CA GLU B 70 7.95 1.60 -8.84
C GLU B 70 6.54 1.36 -8.29
N VAL B 71 5.56 1.60 -9.14
CA VAL B 71 4.16 1.22 -8.86
C VAL B 71 3.98 -0.32 -8.82
N ARG B 72 3.09 -0.83 -7.95
CA ARG B 72 2.77 -2.26 -7.95
C ARG B 72 1.33 -2.28 -8.43
N ALA B 73 1.05 -3.03 -9.50
CA ALA B 73 -0.28 -3.07 -10.05
C ALA B 73 -0.57 -4.48 -10.47
N VAL B 74 -1.75 -4.97 -10.08
CA VAL B 74 -2.17 -6.36 -10.37
C VAL B 74 -3.67 -6.46 -10.17
N ALA B 75 -4.29 -7.35 -10.94
N ALA B 75 -4.39 -7.27 -10.94
CA ALA B 75 -5.72 -7.54 -10.90
CA ALA B 75 -5.81 -7.52 -10.65
C ALA B 75 -6.37 -6.21 -11.28
C ALA B 75 -6.69 -6.32 -10.23
N ASN B 76 -7.08 -5.60 -10.35
N ASN B 76 -6.79 -5.30 -11.09
CA ASN B 76 -7.67 -4.30 -10.64
CA ASN B 76 -7.65 -4.13 -10.82
C ASN B 76 -7.30 -3.28 -9.59
C ASN B 76 -7.29 -3.24 -9.62
N GLU B 77 -6.08 -3.39 -9.13
CA GLU B 77 -5.59 -2.61 -8.00
C GLU B 77 -4.18 -2.12 -8.17
N ALA B 78 -3.86 -0.98 -7.59
CA ALA B 78 -2.45 -0.56 -7.60
C ALA B 78 -2.13 0.03 -6.27
N ALA B 79 -0.86 -0.05 -5.88
CA ALA B 79 -0.32 0.55 -4.65
C ALA B 79 0.95 1.27 -5.00
N PHE B 80 1.20 2.40 -4.33
CA PHE B 80 2.38 3.23 -4.65
C PHE B 80 2.92 3.94 -3.45
N ALA B 81 4.25 4.00 -3.39
CA ALA B 81 4.99 4.72 -2.36
C ALA B 81 5.44 6.03 -2.96
N PHE B 82 5.17 7.06 -2.19
CA PHE B 82 5.48 8.40 -2.64
C PHE B 82 5.67 9.42 -1.58
N THR B 83 6.01 10.63 -2.02
CA THR B 83 6.05 11.76 -1.11
C THR B 83 5.23 12.92 -1.62
N VAL B 84 4.65 13.63 -0.67
N VAL B 84 4.67 13.62 -0.65
CA VAL B 84 4.08 14.95 -0.93
CA VAL B 84 4.12 14.96 -0.86
C VAL B 84 4.58 15.99 0.07
C VAL B 84 4.76 15.95 0.10
N SER B 85 5.16 17.07 -0.45
CA SER B 85 5.84 18.11 0.29
C SER B 85 5.09 19.41 0.08
N PHE B 86 5.03 20.22 1.13
CA PHE B 86 4.43 21.56 1.05
C PHE B 86 5.18 22.42 2.04
N GLU B 87 5.01 23.73 1.88
CA GLU B 87 5.78 24.71 2.65
C GLU B 87 4.76 25.63 3.24
N TYR B 88 4.88 25.86 4.55
CA TYR B 88 3.91 26.74 5.18
C TYR B 88 4.61 27.51 6.27
N GLN B 89 4.51 28.84 6.22
CA GLN B 89 5.25 29.74 7.13
C GLN B 89 6.71 29.34 7.32
N GLY B 90 7.33 28.97 6.21
CA GLY B 90 8.78 28.75 6.17
C GLY B 90 9.17 27.34 6.59
N ARG B 91 8.19 26.54 6.93
CA ARG B 91 8.51 25.16 7.24
C ARG B 91 8.08 24.23 6.12
N LYS B 92 9.00 23.35 5.70
CA LYS B 92 8.63 22.23 4.82
C LYS B 92 8.21 20.96 5.55
N THR B 93 7.07 20.42 5.17
CA THR B 93 6.60 19.13 5.65
C THR B 93 6.66 18.15 4.46
N VAL B 94 7.12 16.93 4.71
CA VAL B 94 7.08 15.87 3.72
C VAL B 94 6.29 14.74 4.33
N VAL B 95 5.22 14.34 3.67
CA VAL B 95 4.40 13.20 4.13
C VAL B 95 4.75 12.06 3.16
N ALA B 96 4.99 10.87 3.72
CA ALA B 96 5.35 9.70 2.88
C ALA B 96 4.30 8.59 3.06
N PRO B 97 3.19 8.64 2.33
CA PRO B 97 2.16 7.62 2.41
C PRO B 97 2.48 6.43 1.51
N ILE B 98 1.65 5.41 1.65
CA ILE B 98 1.53 4.47 0.58
C ILE B 98 0.06 4.54 0.24
N ASN B 99 -0.25 4.71 -1.05
CA ASN B 99 -1.64 4.77 -1.44
C ASN B 99 -2.09 3.53 -2.18
N HIS B 100 -3.39 3.26 -2.15
CA HIS B 100 -3.97 2.11 -2.82
C HIS B 100 -5.10 2.67 -3.63
N PHE B 101 -5.17 2.26 -4.89
CA PHE B 101 -6.27 2.49 -5.77
C PHE B 101 -6.90 1.16 -6.20
N ARG B 102 -8.22 1.07 -6.20
N ARG B 102 -8.22 1.13 -6.27
CA ARG B 102 -8.92 0.01 -6.89
CA ARG B 102 -8.92 0.04 -6.89
C ARG B 102 -9.63 0.62 -8.06
C ARG B 102 -9.68 0.63 -8.07
N PHE B 103 -9.65 -0.10 -9.18
CA PHE B 103 -10.15 0.36 -10.47
C PHE B 103 -11.32 -0.48 -10.85
N ASN B 104 -12.32 0.15 -11.48
CA ASN B 104 -13.47 -0.59 -12.06
C ASN B 104 -13.19 -1.07 -13.50
N GLY B 105 -14.14 -1.78 -14.10
CA GLY B 105 -14.03 -2.28 -15.47
C GLY B 105 -13.80 -1.20 -16.51
N ALA B 106 -14.35 -0.01 -16.24
CA ALA B 106 -14.10 1.15 -17.10
C ALA B 106 -12.70 1.77 -16.93
N GLY B 107 -11.89 1.26 -15.98
CA GLY B 107 -10.53 1.81 -15.75
C GLY B 107 -10.48 3.06 -14.89
N LYS B 108 -11.62 3.44 -14.31
N LYS B 108 -11.62 3.41 -14.29
CA LYS B 108 -11.66 4.58 -13.39
CA LYS B 108 -11.71 4.55 -13.38
C LYS B 108 -11.37 4.08 -11.98
C LYS B 108 -11.39 4.08 -11.97
N VAL B 109 -10.87 4.98 -11.14
CA VAL B 109 -10.55 4.64 -9.77
C VAL B 109 -11.86 4.65 -8.99
N VAL B 110 -12.18 3.54 -8.34
CA VAL B 110 -13.39 3.48 -7.52
C VAL B 110 -13.14 3.75 -6.04
N SER B 111 -11.90 3.58 -5.60
CA SER B 111 -11.55 3.90 -4.24
C SER B 111 -10.08 4.26 -4.14
N MET B 112 -9.80 5.26 -3.34
N MET B 112 -9.79 5.24 -3.30
CA MET B 112 -8.46 5.49 -2.90
CA MET B 112 -8.42 5.62 -2.96
C MET B 112 -8.42 5.33 -1.39
C MET B 112 -8.28 5.67 -1.43
N ARG B 113 -7.30 4.78 -0.90
N ARG B 113 -7.26 5.00 -0.89
CA ARG B 113 -7.00 4.86 0.52
CA ARG B 113 -7.07 4.86 0.56
C ARG B 113 -5.62 5.43 0.58
C ARG B 113 -5.59 5.17 0.87
N ALA B 114 -5.36 6.27 1.58
CA ALA B 114 -4.00 6.82 1.81
C ALA B 114 -3.54 6.41 3.15
N LEU B 115 -2.56 5.55 3.18
CA LEU B 115 -2.07 5.07 4.44
C LEU B 115 -0.79 5.82 4.84
N PHE B 116 -0.95 6.75 5.78
CA PHE B 116 0.18 7.34 6.46
C PHE B 116 -0.20 7.61 7.91
N GLY B 117 0.75 7.41 8.79
CA GLY B 117 0.61 7.77 10.21
C GLY B 117 1.58 8.84 10.62
N GLU B 118 1.61 9.17 11.91
CA GLU B 118 2.38 10.30 12.37
C GLU B 118 3.85 10.18 12.13
N LYS B 119 4.34 8.93 12.17
CA LYS B 119 5.74 8.71 11.90
C LYS B 119 6.10 8.82 10.44
N ASN B 120 5.07 8.99 9.61
CA ASN B 120 5.24 9.23 8.16
C ASN B 120 5.11 10.72 7.75
N ILE B 121 5.08 11.59 8.75
CA ILE B 121 4.99 13.03 8.58
C ILE B 121 6.31 13.57 9.11
N HIS B 122 7.11 14.11 8.21
CA HIS B 122 8.44 14.49 8.49
C HIS B 122 8.54 16.00 8.40
N ALA B 123 8.74 16.64 9.55
CA ALA B 123 8.87 18.10 9.62
C ALA B 123 9.78 18.49 10.76
N GLY B 124 10.65 19.47 10.50
CA GLY B 124 11.43 20.04 11.57
C GLY B 124 10.60 21.11 12.24
N ALA B 125 11.29 21.93 13.03
CA ALA B 125 10.65 22.97 13.81
C ALA B 125 9.83 23.91 12.94
C1 ASD C . 6.64 -14.02 0.37
C1 ASD C . 6.81 -14.70 -5.37
C10 ASD C . 5.95 -13.99 -0.99
C10 ASD C . 6.77 -14.99 -3.86
C11 ASD C . 7.40 -15.83 -1.93
C11 ASD C . 6.34 -12.57 -3.67
C12 ASD C . 8.28 -16.34 -3.08
C12 ASD C . 5.78 -11.60 -2.64
C13 ASD C . 7.60 -16.07 -4.42
C13 ASD C . 5.46 -12.35 -1.37
C14 ASD C . 7.33 -14.59 -4.57
C14 ASD C . 6.71 -12.87 -0.76
C15 ASD C . 6.87 -14.52 -6.04
C15 ASD C . 6.26 -13.19 0.68
C16 ASD C . 7.95 -15.36 -6.75
C16 ASD C . 5.30 -12.02 1.06
C17 ASD C . 8.47 -16.29 -5.64
C17 ASD C . 4.88 -11.46 -0.30
C18 ASD C . 6.30 -16.86 -4.60
C18 ASD C . 4.60 -13.57 -1.65
C19 ASD C . 4.79 -14.98 -0.99
C19 ASD C . 5.38 -15.45 -3.44
C2 ASD C . 5.70 -13.52 1.47
C2 ASD C . 6.49 -15.98 -6.11
C3 ASD C . 5.18 -12.11 1.14
C3 ASD C . 7.47 -17.07 -5.70
C4 ASD C . 5.08 -11.72 -0.18
C4 ASD C . 8.05 -17.07 -4.43
C5 ASD C . 5.44 -12.56 -1.23
C5 ASD C . 7.76 -16.08 -3.49
C6 ASD C . 5.24 -11.98 -2.62
C6 ASD C . 8.44 -16.14 -2.09
C7 ASD C . 6.17 -12.59 -3.67
C7 ASD C . 8.08 -14.99 -1.12
C8 ASD C . 6.35 -14.08 -3.51
C8 ASD C . 6.93 -14.11 -1.61
C9 ASD C . 6.93 -14.37 -2.11
C9 ASD C . 7.14 -13.75 -3.09
O1 ASD C . 4.86 -11.29 2.00
O1 ASD C . 7.77 -17.95 -6.50
O2 ASD C . 9.39 -17.10 -5.70
O2 ASD C . 4.23 -10.44 -0.53
S SO4 D . 14.30 -5.65 -14.48
O1 SO4 D . 14.36 -7.11 -14.54
O2 SO4 D . 14.82 -5.08 -15.71
O3 SO4 D . 12.91 -5.24 -14.31
O4 SO4 D . 15.09 -5.17 -13.35
C1 ASD E . -3.97 17.70 1.82
C10 ASD E . -2.69 16.90 1.77
C11 ASD E . -3.53 15.36 -0.18
C12 ASD E . -3.70 13.94 -0.75
C13 ASD E . -2.45 13.10 -0.50
C14 ASD E . -2.18 13.11 1.01
C15 ASD E . -1.21 11.93 1.22
C16 ASD E . -1.86 10.85 0.28
C17 ASD E . -2.63 11.63 -0.80
C18 ASD E . -1.28 13.53 -1.43
C19 ASD E . -1.72 17.64 0.81
C2 ASD E . -3.64 19.12 2.26
C3 ASD E . -2.87 19.09 3.61
C4 ASD E . -2.06 18.05 4.00
C5 ASD E . -2.01 16.93 3.18
C6 ASD E . -1.14 15.83 3.71
C7 ASD E . -1.15 14.50 2.92
C8 ASD E . -1.72 14.52 1.48
C9 ASD E . -2.95 15.44 1.29
O2 ASD E . -3.12 11.18 -1.83
S SO4 F . -12.70 18.04 3.16
O1 SO4 F . -13.02 16.96 2.23
O2 SO4 F . -11.49 18.72 2.69
O3 SO4 F . -13.80 19.01 3.09
O4 SO4 F . -12.57 17.52 4.52
S SO4 G . 11.19 13.64 11.21
O1 SO4 G . 10.07 12.70 11.15
O2 SO4 G . 12.22 13.20 10.28
O3 SO4 G . 10.75 15.00 10.92
O4 SO4 G . 11.71 13.63 12.58
S SO4 H . -1.94 -0.84 0.11
O1 SO4 H . -2.28 -2.22 -0.22
O2 SO4 H . -0.55 -0.80 0.54
O3 SO4 H . -2.11 -0.03 -1.08
O4 SO4 H . -2.79 -0.32 1.18
S SO4 I . -7.53 -1.76 1.09
O1 SO4 I . -8.18 -3.04 1.38
O2 SO4 I . -6.17 -2.01 0.60
O3 SO4 I . -8.30 -1.05 0.07
O4 SO4 I . -7.46 -0.96 2.30
#